data_6DM4
#
_entry.id   6DM4
#
_cell.length_a   44.454
_cell.length_b   45.035
_cell.length_c   74.748
_cell.angle_alpha   72.60
_cell.angle_beta   90.14
_cell.angle_gamma   77.55
#
_symmetry.space_group_name_H-M   'P 1'
#
loop_
_entity.id
_entity.type
_entity.pdbx_description
1 polymer RavO
2 polymer 'Shc1 phospho-Tyr317 peptide'
3 non-polymer 'SULFATE ION'
4 water water
#
loop_
_entity_poly.entity_id
_entity_poly.type
_entity_poly.pdbx_seq_one_letter_code
_entity_poly.pdbx_strand_id
1 'polypeptide(L)'
;ESEKIYKVMEEIFVDRHYKENIRTGEEVKQYFSKSKAEFILRWSSANESDTENKYVFIAASFQASDGIHSIRYGINKNGE
LFSINTASNKVTPIDILPLGVMATLTQHITQNKELIEKAL
;
A,B,C,D
2 'polypeptide(L)' PS(PTR)VNVQ E,G,H
#
loop_
_chem_comp.id
_chem_comp.type
_chem_comp.name
_chem_comp.formula
SO4 non-polymer 'SULFATE ION' 'O4 S -2'
#
# COMPACT_ATOMS: atom_id res chain seq x y z
N SER A 2 -7.58 31.72 -8.92
CA SER A 2 -8.35 30.75 -9.70
C SER A 2 -7.64 29.39 -9.73
N GLU A 3 -6.38 29.38 -9.31
CA GLU A 3 -5.58 28.16 -9.29
C GLU A 3 -5.23 27.73 -7.88
N LYS A 4 -5.81 28.36 -6.86
CA LYS A 4 -5.45 28.04 -5.48
C LYS A 4 -5.87 26.62 -5.11
N ILE A 5 -6.84 26.04 -5.82
CA ILE A 5 -7.22 24.66 -5.54
C ILE A 5 -6.06 23.72 -5.81
N TYR A 6 -5.29 23.97 -6.87
CA TYR A 6 -4.17 23.08 -7.17
C TYR A 6 -3.06 23.20 -6.13
N LYS A 7 -2.89 24.39 -5.54
CA LYS A 7 -1.90 24.52 -4.48
C LYS A 7 -2.33 23.80 -3.21
N VAL A 8 -3.63 23.81 -2.91
CA VAL A 8 -4.12 23.06 -1.76
C VAL A 8 -4.01 21.56 -2.01
N MET A 9 -4.34 21.12 -3.23
CA MET A 9 -4.20 19.71 -3.58
C MET A 9 -2.73 19.29 -3.52
N GLU A 10 -1.83 20.14 -4.00
CA GLU A 10 -0.40 19.85 -3.90
C GLU A 10 0.00 19.61 -2.45
N GLU A 11 -0.44 20.48 -1.55
CA GLU A 11 -0.07 20.36 -0.14
C GLU A 11 -0.56 19.03 0.44
N ILE A 12 -1.75 18.58 0.04
CA ILE A 12 -2.30 17.34 0.58
C ILE A 12 -1.63 16.14 -0.06
N PHE A 13 -1.52 16.12 -1.40
CA PHE A 13 -1.13 14.92 -2.10
C PHE A 13 0.36 14.59 -1.94
N VAL A 14 1.20 15.57 -1.60
CA VAL A 14 2.60 15.27 -1.37
C VAL A 14 2.86 14.77 0.05
N ASP A 15 1.89 14.88 0.94
CA ASP A 15 2.13 14.56 2.34
C ASP A 15 2.13 13.04 2.53
N ARG A 16 2.97 12.58 3.46
CA ARG A 16 3.11 11.14 3.68
C ARG A 16 1.83 10.50 4.19
N HIS A 17 0.93 11.27 4.80
CA HIS A 17 -0.32 10.71 5.26
C HIS A 17 -1.27 10.36 4.12
N TYR A 18 -1.06 10.92 2.93
CA TYR A 18 -1.96 10.63 1.82
C TYR A 18 -1.61 9.29 1.19
N LYS A 19 -2.61 8.42 1.08
CA LYS A 19 -2.46 7.05 0.58
C LYS A 19 -3.19 6.92 -0.74
N GLU A 20 -2.47 7.07 -1.86
CA GLU A 20 -3.11 7.06 -3.17
C GLU A 20 -3.64 5.69 -3.57
N ASN A 21 -3.14 4.61 -2.96
CA ASN A 21 -3.55 3.27 -3.34
C ASN A 21 -4.60 2.70 -2.42
N ILE A 22 -5.19 3.50 -1.54
CA ILE A 22 -6.22 3.06 -0.62
C ILE A 22 -7.53 3.73 -1.03
N ARG A 23 -8.43 2.96 -1.61
CA ARG A 23 -9.69 3.53 -2.10
C ARG A 23 -10.97 2.95 -1.50
N THR A 24 -11.03 1.63 -1.35
CA THR A 24 -12.23 1.02 -0.84
C THR A 24 -12.21 0.96 0.69
N GLY A 25 -13.39 0.74 1.27
CA GLY A 25 -13.47 0.51 2.71
C GLY A 25 -12.70 -0.72 3.14
N GLU A 26 -12.70 -1.76 2.30
CA GLU A 26 -11.91 -2.96 2.59
C GLU A 26 -10.43 -2.63 2.68
N GLU A 27 -9.94 -1.79 1.76
CA GLU A 27 -8.52 -1.46 1.77
C GLU A 27 -8.15 -0.65 3.00
N VAL A 28 -9.05 0.23 3.45
CA VAL A 28 -8.84 0.99 4.68
C VAL A 28 -8.71 0.05 5.87
N LYS A 29 -9.66 -0.89 6.01
CA LYS A 29 -9.59 -1.86 7.10
C LYS A 29 -8.29 -2.66 7.05
N GLN A 30 -7.91 -3.11 5.85
CA GLN A 30 -6.68 -3.86 5.71
C GLN A 30 -5.47 -3.02 6.11
N TYR A 31 -5.47 -1.72 5.77
CA TYR A 31 -4.34 -0.87 6.12
C TYR A 31 -4.14 -0.81 7.62
N PHE A 32 -5.21 -0.50 8.37
CA PHE A 32 -5.08 -0.35 9.82
C PHE A 32 -4.94 -1.67 10.55
N SER A 33 -5.03 -2.80 9.85
CA SER A 33 -4.77 -4.08 10.50
C SER A 33 -3.32 -4.17 10.96
N LYS A 34 -2.39 -3.56 10.22
CA LYS A 34 -0.97 -3.59 10.52
CA LYS A 34 -0.98 -3.60 10.56
C LYS A 34 -0.37 -2.24 10.87
N SER A 35 -0.94 -1.16 10.35
CA SER A 35 -0.33 0.16 10.55
C SER A 35 -0.62 0.71 11.93
N LYS A 36 0.38 1.40 12.49
CA LYS A 36 0.22 2.17 13.71
C LYS A 36 0.12 3.67 13.43
N ALA A 37 -0.17 4.06 12.19
CA ALA A 37 -0.29 5.47 11.84
C ALA A 37 -1.47 6.11 12.58
N GLU A 38 -1.34 7.39 12.88
CA GLU A 38 -2.42 8.07 13.60
C GLU A 38 -3.61 8.33 12.69
N PHE A 39 -3.38 8.64 11.43
CA PHE A 39 -4.47 8.78 10.48
C PHE A 39 -3.91 8.66 9.06
N ILE A 40 -4.82 8.45 8.11
CA ILE A 40 -4.48 8.57 6.70
C ILE A 40 -5.43 9.55 6.04
N LEU A 41 -4.98 10.08 4.91
CA LEU A 41 -5.82 10.79 3.96
C LEU A 41 -5.94 9.97 2.69
N ARG A 42 -7.06 10.10 1.99
CA ARG A 42 -7.31 9.25 0.85
C ARG A 42 -8.30 9.93 -0.07
N TRP A 43 -8.36 9.43 -1.30
CA TRP A 43 -9.31 9.93 -2.28
C TRP A 43 -10.72 9.49 -1.88
N SER A 44 -11.61 10.45 -1.66
CA SER A 44 -12.93 10.18 -1.11
C SER A 44 -13.85 9.56 -2.15
N SER A 45 -14.78 8.73 -1.67
CA SER A 45 -15.79 8.12 -2.53
C SER A 45 -16.70 9.16 -3.18
N ALA A 46 -16.83 10.34 -2.58
CA ALA A 46 -17.74 11.35 -3.12
C ALA A 46 -17.30 11.91 -4.45
N ASN A 47 -16.05 11.67 -4.86
CA ASN A 47 -15.56 12.24 -6.11
C ASN A 47 -16.26 11.60 -7.31
N GLU A 48 -16.46 10.29 -7.28
CA GLU A 48 -17.20 9.57 -8.32
C GLU A 48 -18.69 9.45 -8.00
N SER A 49 -19.09 9.73 -6.77
CA SER A 49 -20.44 9.42 -6.30
C SER A 49 -21.49 10.40 -6.80
N ASP A 50 -21.63 11.54 -6.15
CA ASP A 50 -22.77 12.43 -6.38
C ASP A 50 -22.25 13.85 -6.62
N THR A 51 -23.15 14.83 -6.48
CA THR A 51 -22.90 16.25 -6.75
C THR A 51 -22.49 16.47 -8.20
N GLU A 52 -22.21 17.72 -8.57
CA GLU A 52 -21.77 18.06 -9.92
C GLU A 52 -20.57 19.01 -9.84
N ASN A 53 -19.46 18.46 -9.35
CA ASN A 53 -18.13 19.07 -9.47
C ASN A 53 -18.10 20.50 -8.90
N LYS A 54 -18.39 20.60 -7.61
CA LYS A 54 -18.13 21.83 -6.88
C LYS A 54 -16.96 21.70 -5.90
N TYR A 55 -16.70 20.50 -5.41
CA TYR A 55 -15.58 20.25 -4.53
C TYR A 55 -14.75 19.09 -5.06
N VAL A 56 -13.47 19.09 -4.71
CA VAL A 56 -12.66 17.87 -4.71
C VAL A 56 -12.70 17.31 -3.30
N PHE A 57 -13.03 16.03 -3.18
CA PHE A 57 -13.31 15.43 -1.88
C PHE A 57 -12.13 14.60 -1.42
N ILE A 58 -11.72 14.81 -0.17
CA ILE A 58 -10.64 14.07 0.47
C ILE A 58 -11.16 13.55 1.80
N ALA A 59 -10.95 12.26 2.06
CA ALA A 59 -11.37 11.68 3.32
C ALA A 59 -10.16 11.41 4.21
N ALA A 60 -10.37 11.59 5.51
CA ALA A 60 -9.44 11.10 6.52
C ALA A 60 -10.00 9.83 7.15
N SER A 61 -9.11 8.94 7.59
CA SER A 61 -9.50 7.74 8.31
C SER A 61 -8.55 7.53 9.47
N PHE A 62 -9.08 7.04 10.58
CA PHE A 62 -8.24 6.66 11.71
C PHE A 62 -8.93 5.53 12.46
N GLN A 63 -8.21 4.94 13.39
CA GLN A 63 -8.69 3.78 14.13
C GLN A 63 -8.71 4.08 15.63
N ALA A 64 -9.83 3.74 16.27
CA ALA A 64 -9.95 3.69 17.72
C ALA A 64 -10.33 2.28 18.12
N SER A 65 -10.59 2.08 19.42
CA SER A 65 -10.86 0.74 19.91
C SER A 65 -12.20 0.19 19.42
N ASP A 66 -13.10 1.06 18.95
CA ASP A 66 -14.37 0.60 18.42
C ASP A 66 -14.37 0.48 16.90
N GLY A 67 -13.23 0.69 16.25
CA GLY A 67 -13.15 0.51 14.82
C GLY A 67 -12.62 1.72 14.08
N ILE A 68 -12.81 1.73 12.77
CA ILE A 68 -12.30 2.79 11.92
C ILE A 68 -13.34 3.89 11.81
N HIS A 69 -12.88 5.13 11.90
CA HIS A 69 -13.70 6.33 11.72
C HIS A 69 -13.13 7.14 10.57
N SER A 70 -14.02 7.84 9.86
CA SER A 70 -13.61 8.65 8.73
C SER A 70 -14.24 10.04 8.84
N ILE A 71 -13.58 11.00 8.20
CA ILE A 71 -14.08 12.38 8.09
C ILE A 71 -13.94 12.78 6.63
N ARG A 72 -14.97 13.39 6.07
CA ARG A 72 -14.92 13.82 4.68
C ARG A 72 -14.65 15.32 4.60
N TYR A 73 -13.70 15.70 3.75
CA TYR A 73 -13.35 17.10 3.52
C TYR A 73 -13.56 17.44 2.05
N GLY A 74 -13.76 18.73 1.79
CA GLY A 74 -13.94 19.21 0.42
C GLY A 74 -13.15 20.47 0.20
N ILE A 75 -12.65 20.61 -1.02
CA ILE A 75 -11.93 21.81 -1.47
C ILE A 75 -12.69 22.39 -2.65
N ASN A 76 -13.06 23.67 -2.58
CA ASN A 76 -13.81 24.27 -3.66
C ASN A 76 -12.84 24.84 -4.70
N LYS A 77 -13.40 25.39 -5.78
CA LYS A 77 -12.59 25.84 -6.92
C LYS A 77 -11.60 26.93 -6.53
N ASN A 78 -11.94 27.76 -5.53
CA ASN A 78 -11.04 28.82 -5.09
C ASN A 78 -10.19 28.41 -3.90
N GLY A 79 -10.05 27.11 -3.63
CA GLY A 79 -9.10 26.62 -2.66
C GLY A 79 -9.55 26.60 -1.22
N GLU A 80 -10.83 26.88 -0.94
CA GLU A 80 -11.32 26.89 0.43
C GLU A 80 -11.60 25.47 0.91
N LEU A 81 -11.28 25.21 2.17
CA LEU A 81 -11.45 23.89 2.79
C LEU A 81 -12.74 23.84 3.60
N PHE A 82 -13.36 22.66 3.60
CA PHE A 82 -14.62 22.44 4.29
C PHE A 82 -14.65 21.02 4.85
N SER A 83 -15.23 20.87 6.04
CA SER A 83 -15.65 19.55 6.52
C SER A 83 -17.06 19.30 6.03
N ILE A 84 -17.37 18.05 5.70
CA ILE A 84 -18.60 17.73 5.00
C ILE A 84 -19.36 16.66 5.77
N ASN A 85 -20.60 16.97 6.15
CA ASN A 85 -21.49 16.00 6.75
C ASN A 85 -21.95 15.01 5.68
N THR A 86 -21.56 13.74 5.81
CA THR A 86 -21.81 12.78 4.74
C THR A 86 -23.27 12.35 4.64
N ALA A 87 -24.06 12.57 5.68
CA ALA A 87 -25.48 12.20 5.63
C ALA A 87 -26.35 13.27 5.00
N SER A 88 -25.95 14.53 5.13
CA SER A 88 -26.72 15.66 4.60
C SER A 88 -25.99 16.42 3.51
N ASN A 89 -24.69 16.21 3.36
CA ASN A 89 -23.81 16.88 2.39
C ASN A 89 -23.72 18.39 2.63
N LYS A 90 -24.15 18.87 3.80
CA LYS A 90 -23.91 20.25 4.17
C LYS A 90 -22.44 20.45 4.52
N VAL A 91 -21.90 21.60 4.13
CA VAL A 91 -20.48 21.89 4.28
C VAL A 91 -20.27 22.84 5.45
N THR A 92 -19.07 22.79 6.03
CA THR A 92 -18.68 23.65 7.12
C THR A 92 -17.27 24.17 6.90
N PRO A 93 -17.08 25.48 6.80
CA PRO A 93 -15.78 26.01 6.41
C PRO A 93 -14.71 25.81 7.48
N ILE A 94 -13.49 25.59 7.02
CA ILE A 94 -12.32 25.41 7.86
C ILE A 94 -11.29 26.45 7.47
N ASP A 95 -10.90 27.30 8.41
CA ASP A 95 -9.86 28.29 8.14
C ASP A 95 -8.49 27.66 8.32
N ILE A 96 -7.57 27.97 7.42
CA ILE A 96 -6.26 27.34 7.40
C ILE A 96 -5.39 27.92 8.52
N LEU A 97 -4.84 27.04 9.34
CA LEU A 97 -3.97 27.44 10.44
C LEU A 97 -2.65 27.98 9.89
N PRO A 98 -1.88 28.70 10.72
CA PRO A 98 -0.70 29.40 10.17
C PRO A 98 0.29 28.52 9.43
N LEU A 99 0.49 27.27 9.84
CA LEU A 99 1.48 26.41 9.21
C LEU A 99 0.96 25.67 7.99
N GLY A 100 -0.26 25.93 7.57
CA GLY A 100 -0.73 25.46 6.28
C GLY A 100 -1.80 24.38 6.38
N VAL A 101 -2.09 23.81 5.22
CA VAL A 101 -3.27 22.94 5.09
C VAL A 101 -3.08 21.65 5.86
N MET A 102 -1.93 21.00 5.70
CA MET A 102 -1.71 19.74 6.40
C MET A 102 -1.67 19.95 7.91
N ALA A 103 -1.07 21.06 8.35
CA ALA A 103 -1.12 21.40 9.77
C ALA A 103 -2.55 21.59 10.24
N THR A 104 -3.43 22.07 9.37
CA THR A 104 -4.82 22.28 9.73
C THR A 104 -5.56 20.95 9.82
N LEU A 105 -5.48 20.14 8.76
CA LEU A 105 -6.14 18.84 8.74
C LEU A 105 -5.67 17.97 9.90
N THR A 106 -4.36 18.00 10.20
CA THR A 106 -3.84 17.21 11.31
C THR A 106 -4.54 17.57 12.62
N GLN A 107 -4.73 18.86 12.88
CA GLN A 107 -5.42 19.27 14.09
C GLN A 107 -6.88 18.87 14.08
N HIS A 108 -7.57 19.03 12.94
CA HIS A 108 -8.98 18.68 12.87
CA HIS A 108 -8.97 18.68 12.90
C HIS A 108 -9.18 17.18 13.06
N ILE A 109 -8.27 16.37 12.51
CA ILE A 109 -8.41 14.91 12.58
C ILE A 109 -8.01 14.38 13.95
N THR A 110 -6.84 14.80 14.45
CA THR A 110 -6.34 14.22 15.70
C THR A 110 -7.17 14.68 16.90
N GLN A 111 -7.64 15.93 16.90
CA GLN A 111 -8.53 16.37 17.96
C GLN A 111 -9.85 15.62 17.91
N ASN A 112 -10.36 15.36 16.70
CA ASN A 112 -11.58 14.57 16.56
C ASN A 112 -11.38 13.14 17.03
N LYS A 113 -10.22 12.56 16.70
CA LYS A 113 -9.89 11.24 17.23
C LYS A 113 -9.82 11.26 18.75
N GLU A 114 -9.33 12.37 19.32
CA GLU A 114 -9.25 12.48 20.78
C GLU A 114 -10.63 12.45 21.41
N LEU A 115 -11.59 13.18 20.81
CA LEU A 115 -12.96 13.17 21.32
C LEU A 115 -13.54 11.76 21.30
N ILE A 116 -13.32 11.03 20.21
CA ILE A 116 -13.82 9.66 20.10
C ILE A 116 -13.23 8.78 21.19
N GLU A 117 -11.90 8.83 21.35
CA GLU A 117 -11.22 7.94 22.28
CA GLU A 117 -11.26 7.92 22.28
C GLU A 117 -11.63 8.24 23.73
N LYS A 118 -11.85 9.50 24.06
CA LYS A 118 -12.23 9.84 25.43
C LYS A 118 -13.66 9.41 25.73
N ALA A 119 -14.52 9.37 24.72
CA ALA A 119 -15.90 8.93 24.95
C ALA A 119 -15.99 7.41 25.12
N LEU A 120 -15.04 6.67 24.55
CA LEU A 120 -15.03 5.22 24.67
C LEU A 120 -14.58 4.80 26.07
N PRO B 1 -18.46 2.61 5.57
CA PRO B 1 -17.58 3.52 6.33
C PRO B 1 -18.35 4.41 7.29
N SER B 2 -17.90 4.48 8.54
CA SER B 2 -18.54 5.33 9.54
C SER B 2 -17.87 6.70 9.59
N PTR B 3 -18.62 7.73 9.21
CA PTR B 3 -18.07 9.07 9.16
C PTR B 3 -18.46 9.93 10.36
O PTR B 3 -19.52 9.74 10.96
CB PTR B 3 -18.53 9.76 7.86
CG PTR B 3 -17.69 9.37 6.66
CD1 PTR B 3 -17.97 8.21 5.94
CD2 PTR B 3 -16.61 10.15 6.26
CE1 PTR B 3 -17.21 7.86 4.84
CE2 PTR B 3 -15.84 9.79 5.17
CZ PTR B 3 -16.14 8.65 4.46
OH PTR B 3 -15.42 8.31 3.44
P PTR B 3 -15.77 8.75 1.93
O1P PTR B 3 -17.22 8.34 1.60
O2P PTR B 3 -14.83 8.05 1.02
O3P PTR B 3 -15.62 10.28 1.79
N VAL B 4 -17.56 10.84 10.72
CA VAL B 4 -17.80 11.78 11.81
C VAL B 4 -18.56 12.99 11.26
N ASN B 5 -19.82 13.11 11.65
CA ASN B 5 -20.71 14.14 11.13
C ASN B 5 -21.13 15.06 12.26
N VAL B 6 -21.11 16.37 11.99
CA VAL B 6 -21.43 17.36 13.00
C VAL B 6 -22.86 17.85 12.83
N GLN B 7 -23.14 18.51 11.71
CA GLN B 7 -24.44 19.11 11.47
C GLN B 7 -25.26 18.31 10.46
N SER C 2 -14.78 19.12 -16.72
CA SER C 2 -13.55 19.60 -16.08
C SER C 2 -13.29 18.85 -14.79
N GLU C 3 -13.57 17.54 -14.80
CA GLU C 3 -13.44 16.71 -13.60
C GLU C 3 -12.12 15.95 -13.55
N LYS C 4 -11.72 15.39 -14.69
CA LYS C 4 -10.54 14.54 -14.79
C LYS C 4 -9.18 15.16 -14.47
N ILE C 5 -9.06 16.48 -14.56
CA ILE C 5 -7.78 17.11 -14.30
C ILE C 5 -7.37 16.90 -12.84
N TYR C 6 -8.33 16.80 -11.93
CA TYR C 6 -8.00 16.69 -10.52
C TYR C 6 -7.30 15.37 -10.20
N LYS C 7 -7.74 14.31 -10.88
CA LYS C 7 -7.16 12.99 -10.71
C LYS C 7 -5.75 13.01 -11.30
N VAL C 8 -5.63 13.48 -12.54
CA VAL C 8 -4.30 13.55 -13.17
C VAL C 8 -3.32 14.28 -12.26
N MET C 9 -3.78 15.36 -11.63
CA MET C 9 -2.91 16.11 -10.71
C MET C 9 -2.55 15.27 -9.49
N GLU C 10 -3.47 14.42 -9.03
CA GLU C 10 -3.13 13.53 -7.93
C GLU C 10 -2.03 12.56 -8.31
N GLU C 11 -2.10 11.99 -9.53
CA GLU C 11 -1.06 11.08 -9.98
C GLU C 11 0.29 11.75 -10.00
N ILE C 12 0.34 13.03 -10.39
CA ILE C 12 1.61 13.74 -10.51
C ILE C 12 2.14 14.13 -9.13
N PHE C 13 1.29 14.74 -8.30
CA PHE C 13 1.73 15.26 -7.02
C PHE C 13 2.21 14.17 -6.06
N VAL C 14 1.59 12.98 -6.11
CA VAL C 14 1.99 11.92 -5.18
C VAL C 14 3.29 11.25 -5.60
N ASP C 15 3.70 11.43 -6.85
CA ASP C 15 4.85 10.72 -7.38
C ASP C 15 6.13 11.14 -6.68
N ARG C 16 7.04 10.18 -6.51
CA ARG C 16 8.31 10.46 -5.83
C ARG C 16 9.13 11.52 -6.56
N HIS C 17 8.93 11.68 -7.87
CA HIS C 17 9.71 12.63 -8.63
C HIS C 17 9.24 14.07 -8.43
N TYR C 18 8.02 14.27 -7.94
CA TYR C 18 7.50 15.62 -7.80
C TYR C 18 8.10 16.27 -6.54
N LYS C 19 8.70 17.44 -6.71
CA LYS C 19 9.39 18.11 -5.61
C LYS C 19 8.69 19.44 -5.32
N GLU C 20 7.83 19.46 -4.30
CA GLU C 20 7.05 20.66 -4.00
C GLU C 20 7.90 21.81 -3.48
N ASN C 21 9.11 21.54 -2.99
CA ASN C 21 9.96 22.56 -2.40
C ASN C 21 11.02 23.08 -3.35
N ILE C 22 10.97 22.70 -4.64
CA ILE C 22 11.95 23.14 -5.62
C ILE C 22 11.26 24.07 -6.60
N ARG C 23 11.61 25.35 -6.55
CA ARG C 23 10.96 26.38 -7.37
C ARG C 23 11.93 27.17 -8.22
N THR C 24 13.14 27.43 -7.75
CA THR C 24 14.11 28.24 -8.46
C THR C 24 15.16 27.36 -9.14
N GLY C 25 15.85 27.94 -10.12
CA GLY C 25 16.91 27.22 -10.78
C GLY C 25 18.05 26.88 -9.86
N GLU C 26 18.30 27.72 -8.86
CA GLU C 26 19.32 27.40 -7.86
C GLU C 26 18.93 26.15 -7.07
N GLU C 27 17.65 26.02 -6.72
CA GLU C 27 17.22 24.83 -5.98
C GLU C 27 17.22 23.59 -6.86
N VAL C 28 16.99 23.75 -8.17
CA VAL C 28 17.11 22.62 -9.09
C VAL C 28 18.56 22.15 -9.16
N LYS C 29 19.49 23.10 -9.27
CA LYS C 29 20.90 22.75 -9.32
C LYS C 29 21.36 22.11 -8.03
N GLN C 30 20.89 22.63 -6.89
CA GLN C 30 21.28 22.06 -5.60
CA GLN C 30 21.29 22.06 -5.61
C GLN C 30 20.82 20.61 -5.47
N TYR C 31 19.65 20.30 -6.02
CA TYR C 31 19.14 18.94 -5.93
C TYR C 31 20.00 17.96 -6.71
N PHE C 32 20.25 18.27 -7.99
CA PHE C 32 21.03 17.36 -8.82
C PHE C 32 22.51 17.35 -8.45
N SER C 33 22.97 18.26 -7.59
CA SER C 33 24.33 18.17 -7.07
C SER C 33 24.46 17.08 -6.02
N LYS C 34 23.39 16.80 -5.27
CA LYS C 34 23.42 15.82 -4.19
C LYS C 34 22.64 14.54 -4.50
N SER C 35 21.81 14.53 -5.53
CA SER C 35 21.00 13.37 -5.86
C SER C 35 21.36 12.86 -7.26
N LYS C 36 21.02 11.60 -7.50
CA LYS C 36 21.30 10.94 -8.77
C LYS C 36 20.03 10.46 -9.46
N ALA C 37 18.86 10.93 -9.03
CA ALA C 37 17.62 10.62 -9.72
C ALA C 37 17.69 11.13 -11.16
N GLU C 38 16.91 10.49 -12.04
CA GLU C 38 16.99 10.82 -13.46
C GLU C 38 16.27 12.13 -13.80
N PHE C 39 15.23 12.48 -13.05
CA PHE C 39 14.54 13.74 -13.31
C PHE C 39 13.75 14.12 -12.08
N ILE C 40 13.28 15.37 -12.06
CA ILE C 40 12.30 15.81 -11.08
C ILE C 40 11.15 16.45 -11.83
N LEU C 41 10.01 16.55 -11.14
CA LEU C 41 8.87 17.35 -11.58
C LEU C 41 8.70 18.48 -10.59
N ARG C 42 8.31 19.66 -11.09
CA ARG C 42 8.19 20.81 -10.23
C ARG C 42 7.06 21.71 -10.74
N TRP C 43 6.57 22.57 -9.85
CA TRP C 43 5.54 23.53 -10.21
C TRP C 43 6.13 24.55 -11.17
N SER C 44 5.55 24.65 -12.37
CA SER C 44 6.16 25.45 -13.42
C SER C 44 6.04 26.94 -13.11
N SER C 45 7.07 27.69 -13.48
CA SER C 45 7.04 29.15 -13.35
C SER C 45 5.98 29.81 -14.20
N ALA C 46 5.39 29.08 -15.14
CA ALA C 46 4.38 29.66 -16.03
C ALA C 46 3.01 29.76 -15.38
N ASN C 47 2.79 29.11 -14.24
CA ASN C 47 1.49 29.23 -13.58
C ASN C 47 1.25 30.63 -13.04
N GLU C 48 2.27 31.28 -12.47
CA GLU C 48 2.06 32.53 -11.75
C GLU C 48 1.51 33.62 -12.66
N SER C 49 2.17 33.86 -13.79
CA SER C 49 1.85 35.00 -14.64
C SER C 49 0.96 34.64 -15.82
N ASP C 50 0.47 33.41 -15.88
CA ASP C 50 -0.37 33.02 -17.01
C ASP C 50 -1.76 33.64 -16.88
N THR C 51 -2.24 34.24 -17.97
CA THR C 51 -3.53 34.90 -18.03
C THR C 51 -4.63 34.01 -18.61
N GLU C 52 -4.27 32.84 -19.16
CA GLU C 52 -5.12 32.17 -20.15
C GLU C 52 -6.17 31.22 -19.60
N ASN C 53 -6.02 30.70 -18.38
CA ASN C 53 -6.97 29.79 -17.72
C ASN C 53 -6.86 28.33 -18.21
N LYS C 54 -6.11 28.03 -19.27
CA LYS C 54 -6.29 26.77 -19.98
CA LYS C 54 -6.31 26.77 -19.96
C LYS C 54 -5.53 25.60 -19.35
N TYR C 55 -4.29 25.80 -18.94
CA TYR C 55 -3.48 24.69 -18.48
C TYR C 55 -2.98 24.89 -17.05
N VAL C 56 -2.76 23.77 -16.36
CA VAL C 56 -1.87 23.71 -15.21
C VAL C 56 -0.51 23.26 -15.72
N PHE C 57 0.53 24.03 -15.41
CA PHE C 57 1.85 23.78 -15.96
C PHE C 57 2.74 23.07 -14.96
N ILE C 58 3.35 21.97 -15.40
CA ILE C 58 4.28 21.18 -14.61
C ILE C 58 5.57 21.06 -15.41
N ALA C 59 6.69 21.33 -14.77
CA ALA C 59 7.97 21.30 -15.46
C ALA C 59 8.77 20.09 -15.00
N ALA C 60 9.49 19.49 -15.94
CA ALA C 60 10.44 18.45 -15.64
C ALA C 60 11.84 19.03 -15.80
N SER C 61 12.74 18.64 -14.91
CA SER C 61 14.14 19.05 -15.00
C SER C 61 15.02 17.81 -14.87
N PHE C 62 16.14 17.82 -15.60
CA PHE C 62 17.10 16.74 -15.53
C PHE C 62 18.48 17.28 -15.87
N GLN C 63 19.50 16.52 -15.49
CA GLN C 63 20.89 16.93 -15.63
C GLN C 63 21.55 16.08 -16.71
N ALA C 64 22.12 16.74 -17.71
CA ALA C 64 23.01 16.11 -18.67
C ALA C 64 24.43 16.58 -18.39
N SER C 65 25.40 16.00 -19.11
CA SER C 65 26.74 16.56 -19.08
C SER C 65 26.73 18.00 -19.57
N ASP C 66 25.80 18.31 -20.48
CA ASP C 66 25.57 19.69 -20.92
C ASP C 66 25.28 20.63 -19.75
N GLY C 67 24.47 20.18 -18.81
CA GLY C 67 23.93 21.01 -17.76
C GLY C 67 22.49 20.60 -17.52
N ILE C 68 21.76 21.43 -16.78
CA ILE C 68 20.38 21.12 -16.41
C ILE C 68 19.44 21.58 -17.52
N HIS C 69 18.55 20.69 -17.95
CA HIS C 69 17.55 21.01 -18.95
C HIS C 69 16.17 20.89 -18.33
N SER C 70 15.22 21.64 -18.88
CA SER C 70 13.85 21.58 -18.42
C SER C 70 12.91 21.36 -19.60
N ILE C 71 11.76 20.78 -19.30
CA ILE C 71 10.66 20.61 -20.23
C ILE C 71 9.39 21.09 -19.54
N ARG C 72 8.58 21.87 -20.24
CA ARG C 72 7.31 22.33 -19.68
C ARG C 72 6.17 21.47 -20.20
N TYR C 73 5.33 21.00 -19.28
CA TYR C 73 4.12 20.25 -19.62
C TYR C 73 2.91 21.04 -19.16
N GLY C 74 1.78 20.78 -19.82
CA GLY C 74 0.53 21.40 -19.43
C GLY C 74 -0.58 20.37 -19.45
N ILE C 75 -1.51 20.53 -18.51
CA ILE C 75 -2.64 19.63 -18.36
C ILE C 75 -3.90 20.47 -18.41
N ASN C 76 -4.79 20.16 -19.36
CA ASN C 76 -6.02 20.93 -19.52
C ASN C 76 -7.10 20.39 -18.58
N LYS C 77 -8.27 21.02 -18.60
CA LYS C 77 -9.34 20.64 -17.68
C LYS C 77 -9.84 19.22 -17.94
N ASN C 78 -9.68 18.72 -19.18
CA ASN C 78 -10.03 17.34 -19.50
C ASN C 78 -9.00 16.34 -19.00
N GLY C 79 -7.97 16.79 -18.28
CA GLY C 79 -6.91 15.91 -17.86
C GLY C 79 -5.99 15.45 -18.97
N GLU C 80 -6.04 16.10 -20.14
CA GLU C 80 -5.18 15.72 -21.25
C GLU C 80 -3.82 16.37 -21.11
N LEU C 81 -2.79 15.66 -21.58
CA LEU C 81 -1.40 16.06 -21.36
C LEU C 81 -0.81 16.65 -22.64
N PHE C 82 0.03 17.66 -22.47
CA PHE C 82 0.65 18.37 -23.58
C PHE C 82 2.08 18.73 -23.20
N SER C 83 2.99 18.64 -24.16
CA SER C 83 4.27 19.31 -24.01
C SER C 83 4.15 20.71 -24.62
N ILE C 84 4.92 21.64 -24.07
CA ILE C 84 4.76 23.06 -24.41
C ILE C 84 6.12 23.62 -24.81
N ASN C 85 6.21 24.13 -26.04
CA ASN C 85 7.36 24.92 -26.45
C ASN C 85 7.27 26.27 -25.78
N THR C 86 8.27 26.59 -24.95
CA THR C 86 8.20 27.80 -24.12
C THR C 86 8.58 29.07 -24.86
N ALA C 87 9.11 28.97 -26.08
CA ALA C 87 9.40 30.16 -26.87
C ALA C 87 8.20 30.65 -27.65
N SER C 88 7.35 29.73 -28.10
CA SER C 88 6.19 30.05 -28.92
C SER C 88 4.85 29.80 -28.23
N ASN C 89 4.84 29.03 -27.14
CA ASN C 89 3.67 28.60 -26.39
C ASN C 89 2.80 27.61 -27.15
N LYS C 90 3.30 27.04 -28.25
CA LYS C 90 2.57 26.03 -28.98
C LYS C 90 2.56 24.71 -28.20
N VAL C 91 1.42 24.03 -28.19
CA VAL C 91 1.25 22.80 -27.44
C VAL C 91 1.30 21.60 -28.37
N THR C 92 1.75 20.47 -27.83
CA THR C 92 1.81 19.21 -28.56
C THR C 92 1.17 18.13 -27.69
N PRO C 93 0.06 17.54 -28.12
CA PRO C 93 -0.60 16.54 -27.28
C PRO C 93 0.26 15.31 -27.08
N ILE C 94 0.12 14.71 -25.89
CA ILE C 94 0.84 13.51 -25.51
C ILE C 94 -0.21 12.49 -25.05
N ASP C 95 -0.33 11.39 -25.77
CA ASP C 95 -1.27 10.37 -25.36
C ASP C 95 -0.72 9.59 -24.17
N ILE C 96 -1.63 9.07 -23.36
CA ILE C 96 -1.25 8.38 -22.12
C ILE C 96 -0.93 6.93 -22.43
N LEU C 97 0.25 6.48 -21.98
CA LEU C 97 0.68 5.11 -22.20
C LEU C 97 -0.13 4.18 -21.29
N PRO C 98 -0.11 2.87 -21.55
CA PRO C 98 -0.98 1.96 -20.78
C PRO C 98 -0.84 2.04 -19.27
N LEU C 99 0.35 2.34 -18.74
CA LEU C 99 0.55 2.31 -17.30
C LEU C 99 0.26 3.65 -16.63
N GLY C 100 -0.23 4.62 -17.37
CA GLY C 100 -0.75 5.84 -16.78
C GLY C 100 0.12 7.06 -17.02
N VAL C 101 -0.27 8.14 -16.33
CA VAL C 101 0.30 9.47 -16.58
C VAL C 101 1.78 9.51 -16.23
N MET C 102 2.14 9.02 -15.03
CA MET C 102 3.54 9.10 -14.63
C MET C 102 4.42 8.22 -15.51
N ALA C 103 3.91 7.04 -15.90
CA ALA C 103 4.67 6.19 -16.82
C ALA C 103 4.90 6.89 -18.15
N THR C 104 3.95 7.72 -18.57
CA THR C 104 4.08 8.47 -19.82
C THR C 104 5.09 9.59 -19.68
N LEU C 105 4.99 10.36 -18.60
CA LEU C 105 5.95 11.42 -18.36
C LEU C 105 7.36 10.87 -18.23
N THR C 106 7.51 9.75 -17.50
CA THR C 106 8.82 9.13 -17.37
C THR C 106 9.43 8.84 -18.74
N GLN C 107 8.65 8.26 -19.65
CA GLN C 107 9.16 7.95 -20.97
C GLN C 107 9.49 9.23 -21.75
N HIS C 108 8.57 10.18 -21.77
CA HIS C 108 8.82 11.42 -22.52
C HIS C 108 10.04 12.16 -21.98
N ILE C 109 10.22 12.16 -20.67
CA ILE C 109 11.34 12.89 -20.08
C ILE C 109 12.66 12.15 -20.31
N THR C 110 12.72 10.86 -19.97
CA THR C 110 13.98 10.15 -20.08
C THR C 110 14.41 9.95 -21.53
N GLN C 111 13.46 9.79 -22.45
CA GLN C 111 13.83 9.67 -23.86
C GLN C 111 14.37 11.00 -24.38
N ASN C 112 13.81 12.11 -23.93
CA ASN C 112 14.36 13.41 -24.31
C ASN C 112 15.76 13.60 -23.75
N LYS C 113 15.98 13.22 -22.47
CA LYS C 113 17.32 13.32 -21.90
C LYS C 113 18.32 12.48 -22.69
N GLU C 114 17.93 11.26 -23.08
CA GLU C 114 18.82 10.41 -23.85
C GLU C 114 19.07 11.00 -25.23
N LEU C 115 18.03 11.60 -25.83
CA LEU C 115 18.19 12.28 -27.12
C LEU C 115 19.23 13.40 -27.03
N ILE C 116 19.22 14.14 -25.92
CA ILE C 116 20.17 15.23 -25.74
C ILE C 116 21.58 14.70 -25.55
N GLU C 117 21.74 13.68 -24.71
CA GLU C 117 23.08 13.19 -24.37
C GLU C 117 23.78 12.61 -25.59
N LYS C 118 23.03 11.97 -26.50
CA LYS C 118 23.64 11.44 -27.71
C LYS C 118 24.21 12.55 -28.58
N ALA C 119 23.48 13.66 -28.68
CA ALA C 119 23.90 14.79 -29.51
C ALA C 119 25.13 15.50 -28.98
N LEU C 120 25.71 15.04 -27.88
CA LEU C 120 26.91 15.66 -27.32
C LEU C 120 28.17 14.88 -27.70
N SER D 2 7.35 -31.24 7.26
CA SER D 2 7.07 -30.76 5.91
C SER D 2 6.40 -29.39 5.96
N GLU D 3 5.73 -29.11 7.08
CA GLU D 3 4.99 -27.87 7.26
C GLU D 3 5.79 -26.83 8.04
N LYS D 4 7.11 -27.01 8.15
CA LYS D 4 7.93 -26.04 8.87
C LYS D 4 8.03 -24.73 8.10
N ILE D 5 8.10 -24.80 6.77
CA ILE D 5 8.22 -23.59 5.96
C ILE D 5 6.99 -22.71 6.12
N TYR D 6 5.83 -23.31 6.34
CA TYR D 6 4.60 -22.51 6.40
C TYR D 6 4.52 -21.73 7.71
N LYS D 7 5.10 -22.24 8.80
CA LYS D 7 5.10 -21.47 10.05
C LYS D 7 6.13 -20.34 9.99
N VAL D 8 7.26 -20.56 9.34
CA VAL D 8 8.20 -19.46 9.10
C VAL D 8 7.54 -18.40 8.23
N MET D 9 6.82 -18.84 7.18
CA MET D 9 6.11 -17.89 6.34
C MET D 9 5.03 -17.16 7.13
N GLU D 10 4.33 -17.88 8.02
CA GLU D 10 3.32 -17.24 8.85
C GLU D 10 3.93 -16.10 9.66
N GLU D 11 5.07 -16.35 10.30
CA GLU D 11 5.71 -15.32 11.13
C GLU D 11 6.08 -14.10 10.30
N ILE D 12 6.52 -14.32 9.06
CA ILE D 12 6.95 -13.19 8.23
C ILE D 12 5.74 -12.43 7.69
N PHE D 13 4.75 -13.14 7.14
CA PHE D 13 3.67 -12.45 6.43
C PHE D 13 2.71 -11.73 7.36
N VAL D 14 2.58 -12.16 8.61
CA VAL D 14 1.72 -11.44 9.55
C VAL D 14 2.38 -10.20 10.12
N ASP D 15 3.68 -10.02 9.92
CA ASP D 15 4.40 -8.92 10.55
C ASP D 15 4.09 -7.61 9.84
N ARG D 16 4.03 -6.53 10.62
CA ARG D 16 3.70 -5.24 10.04
C ARG D 16 4.76 -4.76 9.05
N HIS D 17 6.00 -5.24 9.16
CA HIS D 17 7.03 -4.85 8.20
C HIS D 17 6.83 -5.46 6.82
N TYR D 18 6.10 -6.57 6.70
CA TYR D 18 5.93 -7.19 5.39
C TYR D 18 4.87 -6.44 4.60
N LYS D 19 5.25 -6.01 3.39
CA LYS D 19 4.41 -5.17 2.53
C LYS D 19 3.98 -6.00 1.31
N GLU D 20 2.80 -6.61 1.40
CA GLU D 20 2.33 -7.48 0.34
C GLU D 20 2.08 -6.75 -0.98
N ASN D 21 1.89 -5.44 -0.96
CA ASN D 21 1.54 -4.68 -2.16
C ASN D 21 2.75 -4.05 -2.84
N ILE D 22 3.96 -4.33 -2.37
CA ILE D 22 5.16 -3.71 -2.91
C ILE D 22 5.92 -4.79 -3.67
N ARG D 23 5.80 -4.81 -4.99
CA ARG D 23 6.44 -5.86 -5.78
C ARG D 23 7.61 -5.46 -6.69
N THR D 24 7.55 -4.28 -7.29
CA THR D 24 8.62 -3.89 -8.21
C THR D 24 9.59 -2.91 -7.54
N GLY D 25 10.73 -2.71 -8.20
CA GLY D 25 11.69 -1.74 -7.71
C GLY D 25 11.14 -0.33 -7.71
N GLU D 26 10.32 0.00 -8.70
CA GLU D 26 9.67 1.31 -8.72
C GLU D 26 8.76 1.48 -7.51
N GLU D 27 8.02 0.41 -7.15
CA GLU D 27 7.14 0.51 -5.98
C GLU D 27 7.94 0.65 -4.69
N VAL D 28 9.11 0.01 -4.61
CA VAL D 28 9.98 0.19 -3.44
C VAL D 28 10.43 1.64 -3.32
N LYS D 29 10.89 2.22 -4.43
CA LYS D 29 11.33 3.62 -4.40
C LYS D 29 10.18 4.55 -4.01
N GLN D 30 9.00 4.32 -4.59
CA GLN D 30 7.83 5.13 -4.25
C GLN D 30 7.49 5.02 -2.77
N TYR D 31 7.59 3.82 -2.20
CA TYR D 31 7.27 3.63 -0.78
C TYR D 31 8.18 4.47 0.11
N PHE D 32 9.50 4.34 -0.08
CA PHE D 32 10.43 5.04 0.78
C PHE D 32 10.50 6.54 0.51
N SER D 33 9.90 7.00 -0.59
CA SER D 33 9.83 8.44 -0.83
CA SER D 33 9.84 8.44 -0.83
C SER D 33 8.98 9.17 0.19
N LYS D 34 8.08 8.46 0.86
CA LYS D 34 7.22 9.06 1.87
C LYS D 34 7.37 8.42 3.25
N SER D 35 7.76 7.16 3.33
CA SER D 35 7.75 6.46 4.60
C SER D 35 9.01 6.75 5.42
N LYS D 36 8.85 6.72 6.74
CA LYS D 36 9.97 6.80 7.67
C LYS D 36 10.34 5.43 8.25
N ALA D 37 9.76 4.36 7.73
CA ALA D 37 10.01 3.03 8.26
C ALA D 37 11.48 2.65 8.16
N GLU D 38 11.97 1.94 9.19
CA GLU D 38 13.37 1.54 9.17
C GLU D 38 13.65 0.46 8.14
N PHE D 39 12.70 -0.45 7.91
CA PHE D 39 12.85 -1.42 6.82
C PHE D 39 11.49 -2.01 6.48
N ILE D 40 11.42 -2.64 5.31
CA ILE D 40 10.26 -3.43 4.91
C ILE D 40 10.74 -4.82 4.50
N LEU D 41 9.82 -5.78 4.57
CA LEU D 41 9.98 -7.08 3.93
C LEU D 41 8.98 -7.18 2.79
N ARG D 42 9.35 -7.95 1.77
CA ARG D 42 8.55 -7.98 0.55
C ARG D 42 8.81 -9.26 -0.21
N TRP D 43 7.90 -9.58 -1.12
CA TRP D 43 8.02 -10.76 -1.97
C TRP D 43 9.16 -10.55 -2.97
N SER D 44 10.18 -11.41 -2.91
CA SER D 44 11.36 -11.23 -3.72
C SER D 44 11.09 -11.57 -5.18
N SER D 45 11.79 -10.86 -6.08
CA SER D 45 11.67 -11.13 -7.51
C SER D 45 12.25 -12.49 -7.88
N ALA D 46 13.12 -13.05 -7.03
CA ALA D 46 13.73 -14.35 -7.30
C ALA D 46 12.72 -15.49 -7.25
N ASN D 47 11.52 -15.26 -6.73
CA ASN D 47 10.54 -16.34 -6.60
C ASN D 47 10.08 -16.86 -7.96
N GLU D 48 10.12 -16.02 -9.00
CA GLU D 48 9.74 -16.45 -10.34
C GLU D 48 10.86 -16.30 -11.35
N SER D 49 12.10 -16.10 -10.89
CA SER D 49 13.26 -16.07 -11.78
C SER D 49 14.18 -17.26 -11.61
N ASP D 50 14.19 -17.90 -10.44
CA ASP D 50 15.02 -19.09 -10.24
C ASP D 50 14.30 -20.32 -10.74
N THR D 51 15.08 -21.33 -11.12
CA THR D 51 14.54 -22.50 -11.80
C THR D 51 14.46 -23.75 -10.93
N GLU D 52 15.27 -23.85 -9.88
CA GLU D 52 15.30 -25.07 -9.09
C GLU D 52 14.19 -25.15 -8.05
N ASN D 53 13.59 -24.02 -7.67
CA ASN D 53 12.45 -23.98 -6.76
C ASN D 53 12.79 -24.65 -5.42
N LYS D 54 13.93 -24.26 -4.83
CA LYS D 54 14.34 -24.81 -3.55
C LYS D 54 14.00 -23.91 -2.37
N TYR D 55 13.68 -22.64 -2.63
CA TYR D 55 13.44 -21.67 -1.57
C TYR D 55 12.20 -20.86 -1.87
N VAL D 56 11.61 -20.31 -0.82
CA VAL D 56 10.75 -19.15 -0.92
C VAL D 56 11.61 -17.95 -0.61
N PHE D 57 11.62 -16.97 -1.51
CA PHE D 57 12.53 -15.84 -1.43
C PHE D 57 11.81 -14.64 -0.86
N ILE D 58 12.37 -14.05 0.19
CA ILE D 58 11.86 -12.84 0.81
C ILE D 58 12.97 -11.81 0.78
N ALA D 59 12.64 -10.58 0.42
CA ALA D 59 13.61 -9.50 0.36
C ALA D 59 13.34 -8.48 1.44
N ALA D 60 14.40 -7.88 1.98
CA ALA D 60 14.30 -6.74 2.86
C ALA D 60 14.80 -5.50 2.13
N SER D 61 14.22 -4.35 2.45
CA SER D 61 14.65 -3.09 1.85
C SER D 61 14.70 -2.01 2.92
N PHE D 62 15.68 -1.12 2.80
CA PHE D 62 15.78 0.01 3.71
C PHE D 62 16.46 1.17 2.99
N GLN D 63 16.34 2.35 3.59
CA GLN D 63 16.87 3.58 3.00
C GLN D 63 18.02 4.09 3.84
N ALA D 64 19.09 4.51 3.17
CA ALA D 64 20.23 5.16 3.80
C ALA D 64 20.49 6.47 3.06
N SER D 65 21.48 7.23 3.55
CA SER D 65 21.96 8.39 2.81
C SER D 65 22.35 7.99 1.40
N ASP D 66 22.90 6.78 1.26
CA ASP D 66 23.28 6.21 -0.02
C ASP D 66 22.09 6.10 -0.98
N GLY D 67 20.88 5.95 -0.44
CA GLY D 67 19.75 5.50 -1.22
C GLY D 67 19.16 4.22 -0.64
N ILE D 68 18.55 3.43 -1.50
CA ILE D 68 17.84 2.24 -1.08
C ILE D 68 18.76 1.03 -1.20
N HIS D 69 18.69 0.14 -0.23
CA HIS D 69 19.46 -1.09 -0.23
C HIS D 69 18.53 -2.24 0.04
N SER D 70 18.84 -3.40 -0.51
CA SER D 70 18.02 -4.57 -0.30
C SER D 70 18.88 -5.77 0.08
N ILE D 71 18.26 -6.73 0.74
CA ILE D 71 18.87 -8.01 1.07
C ILE D 71 17.89 -9.10 0.68
N ARG D 72 18.39 -10.18 0.09
CA ARG D 72 17.54 -11.29 -0.30
C ARG D 72 17.69 -12.42 0.70
N TYR D 73 16.56 -12.97 1.16
CA TYR D 73 16.56 -14.12 2.04
C TYR D 73 15.83 -15.27 1.38
N GLY D 74 16.07 -16.47 1.90
CA GLY D 74 15.43 -17.66 1.39
C GLY D 74 15.06 -18.62 2.50
N ILE D 75 13.95 -19.31 2.35
CA ILE D 75 13.49 -20.33 3.29
C ILE D 75 13.38 -21.64 2.53
N ASN D 76 14.15 -22.65 2.93
CA ASN D 76 14.04 -23.94 2.26
C ASN D 76 12.85 -24.70 2.83
N LYS D 77 12.63 -25.92 2.34
CA LYS D 77 11.39 -26.60 2.67
C LYS D 77 11.35 -27.11 4.10
N ASN D 78 12.49 -27.19 4.79
CA ASN D 78 12.50 -27.52 6.20
C ASN D 78 12.35 -26.29 7.09
N GLY D 79 12.06 -25.13 6.51
CA GLY D 79 11.90 -23.91 7.27
C GLY D 79 13.19 -23.23 7.68
N GLU D 80 14.33 -23.67 7.16
CA GLU D 80 15.60 -23.05 7.51
C GLU D 80 15.82 -21.77 6.70
N LEU D 81 16.44 -20.78 7.36
CA LEU D 81 16.58 -19.44 6.80
C LEU D 81 17.99 -19.23 6.26
N PHE D 82 18.08 -18.52 5.13
CA PHE D 82 19.35 -18.25 4.48
C PHE D 82 19.37 -16.81 3.97
N SER D 83 20.54 -16.20 4.02
CA SER D 83 20.81 -15.02 3.22
C SER D 83 21.36 -15.47 1.87
N ILE D 84 21.08 -14.69 0.84
CA ILE D 84 21.38 -15.10 -0.53
C ILE D 84 22.19 -14.00 -1.21
N ASN D 85 23.33 -14.39 -1.77
CA ASN D 85 24.10 -13.51 -2.65
C ASN D 85 23.39 -13.42 -4.00
N THR D 86 22.90 -12.24 -4.35
CA THR D 86 22.12 -12.12 -5.58
C THR D 86 22.98 -12.20 -6.84
N ALA D 87 24.30 -12.02 -6.71
CA ALA D 87 25.17 -12.11 -7.88
C ALA D 87 25.57 -13.55 -8.16
N SER D 88 25.86 -14.35 -7.13
CA SER D 88 26.33 -15.71 -7.30
C SER D 88 25.29 -16.77 -6.97
N ASN D 89 24.18 -16.39 -6.31
CA ASN D 89 23.10 -17.28 -5.87
C ASN D 89 23.52 -18.22 -4.75
N LYS D 90 24.74 -18.10 -4.23
CA LYS D 90 25.15 -18.90 -3.08
C LYS D 90 24.37 -18.49 -1.84
N VAL D 91 24.13 -19.45 -0.95
CA VAL D 91 23.33 -19.23 0.24
C VAL D 91 24.22 -19.35 1.47
N THR D 92 23.83 -18.64 2.52
CA THR D 92 24.54 -18.67 3.80
C THR D 92 23.50 -18.90 4.90
N PRO D 93 23.67 -19.91 5.73
CA PRO D 93 22.64 -20.22 6.73
C PRO D 93 22.54 -19.13 7.79
N ILE D 94 21.31 -18.86 8.23
CA ILE D 94 21.03 -17.94 9.31
C ILE D 94 20.33 -18.72 10.41
N ASP D 95 20.98 -18.83 11.57
CA ASP D 95 20.36 -19.49 12.70
C ASP D 95 19.38 -18.54 13.38
N ILE D 96 18.26 -19.09 13.84
CA ILE D 96 17.18 -18.28 14.40
C ILE D 96 17.50 -17.93 15.84
N LEU D 97 17.47 -16.63 16.15
CA LEU D 97 17.74 -16.15 17.50
C LEU D 97 16.57 -16.51 18.42
N PRO D 98 16.79 -16.46 19.75
CA PRO D 98 15.79 -17.03 20.68
C PRO D 98 14.37 -16.48 20.53
N LEU D 99 14.19 -15.25 20.05
CA LEU D 99 12.85 -14.67 20.02
C LEU D 99 12.11 -14.88 18.71
N GLY D 100 12.67 -15.61 17.76
CA GLY D 100 11.94 -16.04 16.58
C GLY D 100 12.50 -15.47 15.30
N VAL D 101 11.77 -15.74 14.21
CA VAL D 101 12.26 -15.42 12.87
C VAL D 101 12.28 -13.91 12.64
N MET D 102 11.21 -13.21 13.02
CA MET D 102 11.19 -11.76 12.80
C MET D 102 12.24 -11.06 13.64
N ALA D 103 12.47 -11.55 14.87
CA ALA D 103 13.53 -10.99 15.70
C ALA D 103 14.89 -11.22 15.05
N THR D 104 15.08 -12.35 14.38
CA THR D 104 16.34 -12.64 13.71
C THR D 104 16.53 -11.74 12.49
N LEU D 105 15.53 -11.68 11.61
CA LEU D 105 15.63 -10.83 10.44
C LEU D 105 15.84 -9.37 10.84
N THR D 106 15.15 -8.92 11.88
CA THR D 106 15.30 -7.54 12.32
C THR D 106 16.74 -7.22 12.67
N GLN D 107 17.43 -8.16 13.33
CA GLN D 107 18.84 -7.92 13.66
C GLN D 107 19.71 -7.94 12.42
N HIS D 108 19.49 -8.91 11.53
CA HIS D 108 20.30 -8.99 10.31
CA HIS D 108 20.30 -8.99 10.31
C HIS D 108 20.13 -7.74 9.46
N ILE D 109 18.92 -7.21 9.40
CA ILE D 109 18.65 -6.05 8.55
C ILE D 109 19.17 -4.77 9.19
N THR D 110 18.83 -4.54 10.46
CA THR D 110 19.19 -3.26 11.07
C THR D 110 20.68 -3.15 11.34
N GLN D 111 21.34 -4.26 11.67
CA GLN D 111 22.79 -4.21 11.83
C GLN D 111 23.47 -3.96 10.49
N ASN D 112 22.93 -4.51 9.41
CA ASN D 112 23.47 -4.23 8.08
C ASN D 112 23.25 -2.77 7.68
N LYS D 113 22.13 -2.18 8.10
CA LYS D 113 21.91 -0.76 7.84
C LYS D 113 22.88 0.10 8.62
N GLU D 114 23.13 -0.25 9.89
CA GLU D 114 24.13 0.48 10.67
C GLU D 114 25.50 0.44 9.98
N LEU D 115 25.86 -0.72 9.43
CA LEU D 115 27.12 -0.85 8.71
C LEU D 115 27.17 0.12 7.54
N ILE D 116 26.09 0.17 6.75
CA ILE D 116 26.05 1.07 5.59
C ILE D 116 26.16 2.52 6.04
N GLU D 117 25.39 2.90 7.06
CA GLU D 117 25.32 4.31 7.46
C GLU D 117 26.63 4.78 8.09
N LYS D 118 27.29 3.92 8.85
CA LYS D 118 28.55 4.34 9.48
C LYS D 118 29.67 4.48 8.47
N ALA D 119 29.60 3.78 7.34
CA ALA D 119 30.62 3.89 6.31
C ALA D 119 30.47 5.15 5.48
N LEU D 120 29.26 5.72 5.42
CA LEU D 120 29.04 6.96 4.68
C LEU D 120 29.54 8.15 5.48
N PRO E 1 17.80 -3.15 -8.75
CA PRO E 1 18.01 -2.80 -7.34
C PRO E 1 19.39 -3.19 -6.83
N SER E 2 19.92 -2.40 -5.90
CA SER E 2 21.21 -2.69 -5.29
C SER E 2 21.03 -3.57 -4.06
N PTR E 3 21.66 -4.75 -4.09
CA PTR E 3 21.52 -5.69 -2.98
C PTR E 3 22.79 -5.76 -2.12
O PTR E 3 23.89 -5.52 -2.60
CB PTR E 3 21.16 -7.08 -3.50
CG PTR E 3 19.68 -7.25 -3.75
CD1 PTR E 3 19.10 -6.79 -4.92
CD2 PTR E 3 18.86 -7.84 -2.80
CE1 PTR E 3 17.74 -6.93 -5.15
CE2 PTR E 3 17.50 -7.99 -3.02
CZ PTR E 3 16.94 -7.54 -4.19
OH PTR E 3 15.66 -7.65 -4.40
P PTR E 3 14.97 -8.99 -4.98
O1P PTR E 3 15.26 -10.15 -4.02
O2P PTR E 3 15.50 -9.31 -6.39
O3P PTR E 3 13.51 -8.72 -5.06
N VAL E 4 22.58 -6.09 -0.85
CA VAL E 4 23.70 -6.35 0.05
C VAL E 4 24.12 -7.81 -0.13
N ASN E 5 25.29 -8.01 -0.71
CA ASN E 5 25.84 -9.35 -0.91
C ASN E 5 27.01 -9.56 0.03
N VAL E 6 27.17 -10.81 0.48
CA VAL E 6 28.03 -11.19 1.60
C VAL E 6 28.03 -10.13 2.69
N SER F 2 3.86 -26.79 -8.86
CA SER F 2 3.80 -27.27 -7.48
C SER F 2 4.41 -26.26 -6.53
N GLU F 3 4.27 -24.97 -6.87
CA GLU F 3 4.83 -23.90 -6.07
C GLU F 3 3.90 -22.71 -5.92
N LYS F 4 2.72 -22.73 -6.55
CA LYS F 4 1.75 -21.65 -6.37
C LYS F 4 1.20 -21.59 -4.95
N ILE F 5 1.43 -22.61 -4.14
CA ILE F 5 0.86 -22.65 -2.79
C ILE F 5 1.39 -21.52 -1.93
N TYR F 6 2.67 -21.16 -2.11
CA TYR F 6 3.27 -20.16 -1.24
C TYR F 6 2.64 -18.79 -1.46
N LYS F 7 2.33 -18.44 -2.71
CA LYS F 7 1.67 -17.17 -2.99
C LYS F 7 0.25 -17.14 -2.43
N VAL F 8 -0.46 -18.27 -2.52
CA VAL F 8 -1.80 -18.33 -1.93
C VAL F 8 -1.72 -18.18 -0.42
N MET F 9 -0.70 -18.78 0.21
CA MET F 9 -0.55 -18.64 1.65
C MET F 9 -0.21 -17.21 2.05
N GLU F 10 0.51 -16.47 1.20
CA GLU F 10 0.77 -15.07 1.49
C GLU F 10 -0.53 -14.28 1.56
N GLU F 11 -1.39 -14.45 0.56
CA GLU F 11 -2.67 -13.72 0.54
C GLU F 11 -3.50 -14.02 1.78
N ILE F 12 -3.44 -15.24 2.27
CA ILE F 12 -4.21 -15.62 3.44
C ILE F 12 -3.58 -15.08 4.71
N PHE F 13 -2.26 -15.26 4.85
CA PHE F 13 -1.59 -14.88 6.09
C PHE F 13 -1.57 -13.36 6.31
N VAL F 14 -1.52 -12.58 5.24
CA VAL F 14 -1.50 -11.12 5.41
C VAL F 14 -2.87 -10.56 5.69
N ASP F 15 -3.95 -11.30 5.42
CA ASP F 15 -5.29 -10.75 5.54
C ASP F 15 -5.62 -10.41 6.98
N ARG F 16 -6.38 -9.33 7.17
CA ARG F 16 -6.74 -8.88 8.50
C ARG F 16 -7.53 -9.93 9.28
N HIS F 17 -8.20 -10.85 8.59
CA HIS F 17 -8.98 -11.89 9.26
C HIS F 17 -8.14 -13.02 9.83
N TYR F 18 -6.89 -13.18 9.37
CA TYR F 18 -6.07 -14.28 9.84
C TYR F 18 -5.49 -13.96 11.22
N LYS F 19 -5.66 -14.89 12.16
CA LYS F 19 -5.23 -14.73 13.55
C LYS F 19 -4.16 -15.78 13.86
N GLU F 20 -2.89 -15.36 13.83
CA GLU F 20 -1.80 -16.31 14.07
C GLU F 20 -1.74 -16.79 15.52
N ASN F 21 -2.36 -16.05 16.45
CA ASN F 21 -2.27 -16.39 17.87
C ASN F 21 -3.41 -17.28 18.35
N ILE F 22 -4.33 -17.67 17.47
CA ILE F 22 -5.51 -18.43 17.86
C ILE F 22 -5.35 -19.84 17.30
N ARG F 23 -5.01 -20.79 18.16
CA ARG F 23 -4.75 -22.17 17.76
C ARG F 23 -5.74 -23.18 18.33
N THR F 24 -6.15 -23.00 19.57
CA THR F 24 -7.03 -23.95 20.25
C THR F 24 -8.50 -23.51 20.16
N GLY F 25 -9.39 -24.48 20.36
CA GLY F 25 -10.80 -24.16 20.41
C GLY F 25 -11.15 -23.24 21.57
N GLU F 26 -10.40 -23.33 22.66
CA GLU F 26 -10.63 -22.44 23.79
C GLU F 26 -10.28 -20.99 23.44
N GLU F 27 -9.24 -20.80 22.61
CA GLU F 27 -8.87 -19.44 22.22
C GLU F 27 -9.82 -18.86 21.19
N VAL F 28 -10.48 -19.70 20.40
CA VAL F 28 -11.50 -19.20 19.48
C VAL F 28 -12.69 -18.66 20.26
N LYS F 29 -13.15 -19.43 21.26
CA LYS F 29 -14.27 -18.99 22.08
C LYS F 29 -13.93 -17.71 22.83
N GLN F 30 -12.69 -17.59 23.30
CA GLN F 30 -12.30 -16.38 24.01
C GLN F 30 -12.23 -15.17 23.07
N TYR F 31 -11.89 -15.39 21.80
CA TYR F 31 -11.84 -14.28 20.86
C TYR F 31 -13.22 -13.71 20.59
N PHE F 32 -14.17 -14.57 20.20
CA PHE F 32 -15.51 -14.12 19.90
C PHE F 32 -16.29 -13.70 21.14
N SER F 33 -15.75 -13.97 22.34
CA SER F 33 -16.37 -13.46 23.55
C SER F 33 -16.20 -11.95 23.68
N LYS F 34 -15.14 -11.39 23.09
CA LYS F 34 -14.81 -9.98 23.24
C LYS F 34 -14.81 -9.23 21.91
N SER F 35 -14.97 -9.93 20.79
CA SER F 35 -15.02 -9.29 19.48
C SER F 35 -16.15 -9.89 18.67
N LYS F 36 -16.84 -9.04 17.91
CA LYS F 36 -17.94 -9.46 17.05
C LYS F 36 -17.60 -9.25 15.58
N ALA F 37 -16.35 -9.53 15.19
CA ALA F 37 -15.98 -9.60 13.79
C ALA F 37 -16.78 -10.69 13.08
N GLU F 38 -16.90 -10.55 11.77
CA GLU F 38 -17.73 -11.50 11.02
C GLU F 38 -17.10 -12.89 11.01
N PHE F 39 -15.78 -12.98 10.82
CA PHE F 39 -15.12 -14.28 10.85
C PHE F 39 -13.62 -14.08 11.09
N ILE F 40 -12.96 -15.18 11.40
CA ILE F 40 -11.50 -15.24 11.47
C ILE F 40 -11.03 -16.43 10.68
N LEU F 41 -9.78 -16.35 10.23
CA LEU F 41 -9.07 -17.50 9.69
C LEU F 41 -7.95 -17.85 10.64
N ARG F 42 -7.57 -19.12 10.68
CA ARG F 42 -6.61 -19.58 11.66
C ARG F 42 -5.97 -20.88 11.18
N TRP F 43 -4.85 -21.23 11.81
CA TRP F 43 -4.15 -22.46 11.49
C TRP F 43 -4.98 -23.66 11.95
N SER F 44 -5.34 -24.54 11.02
CA SER F 44 -6.21 -25.65 11.34
C SER F 44 -5.49 -26.74 12.12
N SER F 45 -6.26 -27.43 12.97
CA SER F 45 -5.71 -28.55 13.75
C SER F 45 -5.34 -29.74 12.87
N ALA F 46 -5.84 -29.79 11.64
CA ALA F 46 -5.55 -30.90 10.75
C ALA F 46 -4.10 -30.89 10.25
N ASN F 47 -3.38 -29.78 10.40
CA ASN F 47 -2.00 -29.75 9.93
C ASN F 47 -1.10 -30.69 10.73
N GLU F 48 -1.32 -30.78 12.04
CA GLU F 48 -0.53 -31.70 12.85
C GLU F 48 -1.09 -33.10 12.88
N SER F 49 -2.37 -33.28 12.56
CA SER F 49 -2.98 -34.61 12.53
C SER F 49 -2.68 -35.36 11.24
N ASP F 50 -2.33 -34.65 10.17
CA ASP F 50 -2.30 -35.23 8.84
C ASP F 50 -0.97 -35.94 8.57
N THR F 51 -1.04 -37.05 7.82
CA THR F 51 0.13 -37.78 7.39
C THR F 51 0.47 -37.58 5.92
N GLU F 52 -0.52 -37.23 5.09
CA GLU F 52 -0.32 -37.17 3.65
C GLU F 52 0.47 -35.94 3.22
N ASN F 53 0.31 -34.82 3.92
CA ASN F 53 1.00 -33.56 3.60
C ASN F 53 0.71 -33.10 2.17
N LYS F 54 -0.51 -33.37 1.70
CA LYS F 54 -0.90 -32.89 0.38
C LYS F 54 -1.51 -31.50 0.45
N TYR F 55 -2.12 -31.14 1.58
CA TYR F 55 -2.75 -29.85 1.78
C TYR F 55 -2.16 -29.14 2.99
N VAL F 56 -2.10 -27.83 2.90
CA VAL F 56 -2.03 -26.97 4.08
C VAL F 56 -3.46 -26.64 4.49
N PHE F 57 -3.76 -26.78 5.77
CA PHE F 57 -5.13 -26.66 6.24
C PHE F 57 -5.34 -25.32 6.94
N ILE F 58 -6.40 -24.65 6.56
CA ILE F 58 -6.79 -23.36 7.13
C ILE F 58 -8.25 -23.45 7.52
N ALA F 59 -8.56 -23.05 8.75
CA ALA F 59 -9.94 -23.05 9.22
C ALA F 59 -10.48 -21.63 9.33
N ALA F 60 -11.76 -21.49 9.04
CA ALA F 60 -12.51 -20.28 9.31
C ALA F 60 -13.39 -20.53 10.53
N SER F 61 -13.61 -19.49 11.32
CA SER F 61 -14.51 -19.60 12.46
C SER F 61 -15.36 -18.34 12.50
N PHE F 62 -16.62 -18.51 12.93
CA PHE F 62 -17.53 -17.40 13.08
C PHE F 62 -18.53 -17.73 14.17
N GLN F 63 -19.28 -16.71 14.58
CA GLN F 63 -20.28 -16.84 15.64
C GLN F 63 -21.66 -16.69 15.04
N ALA F 64 -22.51 -17.68 15.28
CA ALA F 64 -23.94 -17.60 14.98
C ALA F 64 -24.72 -17.50 16.28
N SER F 65 -26.04 -17.35 16.15
CA SER F 65 -26.90 -17.46 17.32
C SER F 65 -26.78 -18.84 17.95
N ASP F 66 -26.66 -19.86 17.09
CA ASP F 66 -26.30 -21.21 17.54
C ASP F 66 -25.08 -21.19 18.45
N GLY F 67 -24.07 -20.43 18.07
CA GLY F 67 -22.78 -20.43 18.73
C GLY F 67 -21.69 -20.37 17.69
N ILE F 68 -20.52 -20.86 18.05
CA ILE F 68 -19.35 -20.79 17.18
C ILE F 68 -19.34 -21.99 16.23
N HIS F 69 -19.12 -21.73 14.95
CA HIS F 69 -18.96 -22.76 13.94
C HIS F 69 -17.64 -22.55 13.23
N SER F 70 -17.07 -23.63 12.70
CA SER F 70 -15.86 -23.56 11.90
C SER F 70 -16.04 -24.26 10.57
N ILE F 71 -15.20 -23.90 9.62
CA ILE F 71 -15.10 -24.56 8.31
C ILE F 71 -13.63 -24.82 8.05
N ARG F 72 -13.29 -26.06 7.67
CA ARG F 72 -11.93 -26.44 7.37
C ARG F 72 -11.67 -26.32 5.87
N TYR F 73 -10.59 -25.64 5.50
CA TYR F 73 -10.18 -25.52 4.11
C TYR F 73 -8.82 -26.18 3.92
N GLY F 74 -8.56 -26.61 2.70
CA GLY F 74 -7.25 -27.11 2.33
C GLY F 74 -6.75 -26.48 1.04
N ILE F 75 -5.44 -26.25 0.98
CA ILE F 75 -4.79 -25.74 -0.22
C ILE F 75 -3.68 -26.70 -0.60
N ASN F 76 -3.69 -27.16 -1.85
CA ASN F 76 -2.65 -28.08 -2.30
C ASN F 76 -1.46 -27.29 -2.86
N LYS F 77 -0.46 -28.02 -3.35
CA LYS F 77 0.76 -27.39 -3.84
C LYS F 77 0.53 -26.56 -5.10
N ASN F 78 -0.53 -26.83 -5.85
CA ASN F 78 -0.91 -26.02 -7.00
C ASN F 78 -1.73 -24.80 -6.61
N GLY F 79 -1.89 -24.54 -5.31
CA GLY F 79 -2.63 -23.37 -4.86
C GLY F 79 -4.12 -23.45 -5.06
N GLU F 80 -4.67 -24.64 -5.32
CA GLU F 80 -6.11 -24.77 -5.47
C GLU F 80 -6.76 -24.91 -4.10
N LEU F 81 -7.99 -24.41 -4.00
CA LEU F 81 -8.71 -24.31 -2.73
C LEU F 81 -9.77 -25.40 -2.63
N PHE F 82 -9.92 -25.95 -1.42
CA PHE F 82 -10.87 -27.02 -1.16
C PHE F 82 -11.53 -26.79 0.19
N SER F 83 -12.81 -27.10 0.29
CA SER F 83 -13.42 -27.27 1.60
C SER F 83 -13.28 -28.74 1.98
N ILE F 84 -13.21 -29.00 3.29
CA ILE F 84 -12.88 -30.33 3.81
C ILE F 84 -14.04 -30.83 4.65
N ASN F 85 -14.48 -32.06 4.39
CA ASN F 85 -15.40 -32.73 5.28
C ASN F 85 -14.59 -33.29 6.43
N THR F 86 -14.84 -32.81 7.66
CA THR F 86 -13.98 -33.21 8.77
C THR F 86 -14.30 -34.60 9.33
N ALA F 87 -15.30 -35.30 8.80
CA ALA F 87 -15.55 -36.68 9.19
C ALA F 87 -14.85 -37.67 8.26
N SER F 88 -15.00 -37.47 6.95
CA SER F 88 -14.45 -38.36 5.95
C SER F 88 -13.09 -37.90 5.42
N ASN F 89 -12.74 -36.63 5.63
CA ASN F 89 -11.57 -35.94 5.08
C ASN F 89 -11.65 -35.76 3.57
N LYS F 90 -12.78 -36.06 2.95
CA LYS F 90 -12.94 -35.84 1.52
C LYS F 90 -12.93 -34.34 1.22
N VAL F 91 -12.38 -33.98 0.05
CA VAL F 91 -12.20 -32.59 -0.32
C VAL F 91 -13.17 -32.22 -1.42
N THR F 92 -13.51 -30.94 -1.49
CA THR F 92 -14.48 -30.41 -2.44
C THR F 92 -13.87 -29.17 -3.06
N PRO F 93 -13.62 -29.15 -4.37
CA PRO F 93 -12.94 -27.99 -4.97
C PRO F 93 -13.80 -26.74 -4.88
N ILE F 94 -13.12 -25.61 -4.71
CA ILE F 94 -13.73 -24.29 -4.70
C ILE F 94 -13.04 -23.47 -5.76
N ASP F 95 -13.76 -23.10 -6.81
CA ASP F 95 -13.20 -22.23 -7.83
C ASP F 95 -13.01 -20.83 -7.27
N ILE F 96 -11.97 -20.15 -7.74
CA ILE F 96 -11.60 -18.83 -7.24
C ILE F 96 -12.46 -17.78 -7.94
N LEU F 97 -13.09 -16.92 -7.15
CA LEU F 97 -13.89 -15.84 -7.70
C LEU F 97 -12.99 -14.80 -8.35
N PRO F 98 -13.54 -13.95 -9.24
CA PRO F 98 -12.67 -13.03 -10.00
C PRO F 98 -11.76 -12.15 -9.16
N LEU F 99 -12.12 -11.84 -7.92
CA LEU F 99 -11.33 -10.90 -7.12
C LEU F 99 -10.31 -11.58 -6.22
N GLY F 100 -10.19 -12.90 -6.25
CA GLY F 100 -9.07 -13.58 -5.65
C GLY F 100 -9.47 -14.54 -4.55
N VAL F 101 -8.45 -15.07 -3.88
CA VAL F 101 -8.67 -16.15 -2.91
C VAL F 101 -9.39 -15.63 -1.67
N MET F 102 -8.97 -14.46 -1.17
CA MET F 102 -9.64 -13.90 0.00
C MET F 102 -11.08 -13.49 -0.31
N ALA F 103 -11.32 -12.95 -1.51
CA ALA F 103 -12.69 -12.65 -1.88
C ALA F 103 -13.53 -13.92 -1.97
N THR F 104 -12.91 -15.03 -2.38
CA THR F 104 -13.61 -16.32 -2.47
C THR F 104 -13.90 -16.88 -1.09
N LEU F 105 -12.90 -16.87 -0.20
CA LEU F 105 -13.12 -17.36 1.15
C LEU F 105 -14.16 -16.53 1.88
N THR F 106 -14.10 -15.19 1.74
CA THR F 106 -15.10 -14.34 2.36
C THR F 106 -16.51 -14.74 1.94
N GLN F 107 -16.73 -14.99 0.63
CA GLN F 107 -18.05 -15.37 0.18
C GLN F 107 -18.46 -16.74 0.71
N HIS F 108 -17.55 -17.70 0.63
CA HIS F 108 -17.85 -19.05 1.12
C HIS F 108 -18.17 -19.03 2.61
N ILE F 109 -17.40 -18.28 3.39
CA ILE F 109 -17.60 -18.24 4.84
C ILE F 109 -18.89 -17.50 5.19
N THR F 110 -19.07 -16.28 4.68
CA THR F 110 -20.23 -15.49 5.09
C THR F 110 -21.54 -16.07 4.54
N GLN F 111 -21.51 -16.69 3.36
CA GLN F 111 -22.73 -17.31 2.87
C GLN F 111 -23.09 -18.55 3.69
N ASN F 112 -22.08 -19.27 4.17
CA ASN F 112 -22.34 -20.39 5.07
C ASN F 112 -22.90 -19.89 6.40
N LYS F 113 -22.39 -18.77 6.90
CA LYS F 113 -22.94 -18.22 8.13
C LYS F 113 -24.38 -17.76 7.94
N GLU F 114 -24.67 -17.15 6.78
CA GLU F 114 -26.04 -16.72 6.52
C GLU F 114 -26.97 -17.93 6.34
N LEU F 115 -26.49 -18.97 5.67
CA LEU F 115 -27.26 -20.20 5.54
C LEU F 115 -27.61 -20.76 6.91
N ILE F 116 -26.63 -20.82 7.82
CA ILE F 116 -26.86 -21.32 9.17
C ILE F 116 -27.92 -20.48 9.88
N GLU F 117 -27.70 -19.17 9.95
CA GLU F 117 -28.61 -18.32 10.71
C GLU F 117 -30.00 -18.24 10.08
N LYS F 118 -30.09 -18.38 8.76
CA LYS F 118 -31.41 -18.41 8.13
C LYS F 118 -32.16 -19.70 8.42
N ALA F 119 -31.46 -20.76 8.81
CA ALA F 119 -32.10 -22.00 9.23
C ALA F 119 -32.51 -21.99 10.69
N LEU F 120 -32.00 -21.04 11.47
CA LEU F 120 -32.32 -20.94 12.88
C LEU F 120 -33.54 -20.04 13.10
N PRO G 1 -14.49 -28.80 17.33
CA PRO G 1 -15.37 -27.71 17.77
C PRO G 1 -16.39 -27.29 16.70
N SER G 2 -17.30 -28.19 16.36
CA SER G 2 -18.44 -27.89 15.48
C SER G 2 -18.04 -27.37 14.10
N PTR G 3 -17.83 -28.28 13.15
CA PTR G 3 -17.50 -27.90 11.78
C PTR G 3 -18.67 -28.06 10.82
O PTR G 3 -19.51 -28.93 11.01
CB PTR G 3 -16.30 -28.72 11.28
CG PTR G 3 -14.97 -28.18 11.75
CD1 PTR G 3 -14.54 -28.39 13.05
CD2 PTR G 3 -14.16 -27.45 10.90
CE1 PTR G 3 -13.32 -27.90 13.49
CE2 PTR G 3 -12.94 -26.96 11.32
CZ PTR G 3 -12.52 -27.18 12.62
OH PTR G 3 -11.38 -26.70 13.03
P PTR G 3 -9.96 -27.38 12.73
O1P PTR G 3 -9.92 -28.78 13.36
O2P PTR G 3 -8.93 -26.51 13.37
O3P PTR G 3 -9.72 -27.48 11.22
N VAL G 4 -18.72 -27.22 9.79
CA VAL G 4 -19.72 -27.36 8.74
C VAL G 4 -19.15 -28.33 7.69
N ASN G 5 -19.86 -29.42 7.38
CA ASN G 5 -19.20 -30.51 6.69
C ASN G 5 -19.73 -30.83 5.30
N VAL G 6 -21.05 -30.89 5.12
CA VAL G 6 -21.66 -31.20 3.82
C VAL G 6 -22.43 -29.99 3.26
N GLN G 7 -21.96 -28.78 3.54
CA GLN G 7 -22.30 -27.60 2.73
C GLN G 7 -23.79 -27.27 2.70
S SO4 H . 1.56 9.22 12.01
O1 SO4 H . 2.45 8.41 11.19
O2 SO4 H . 1.27 8.52 13.26
O3 SO4 H . 0.32 9.47 11.28
O4 SO4 H . 2.20 10.49 12.32
S SO4 I . 2.93 2.72 6.07
O1 SO4 I . 2.31 2.04 4.94
O2 SO4 I . 3.88 1.83 6.71
O3 SO4 I . 1.90 3.11 7.03
O4 SO4 I . 3.63 3.92 5.59
S SO4 J . 9.35 26.41 -16.40
O1 SO4 J . 8.10 25.84 -16.87
O2 SO4 J . 10.45 25.53 -16.78
O3 SO4 J . 9.52 27.74 -17.00
O4 SO4 J . 9.32 26.57 -14.94
S SO4 K . 15.31 7.38 -10.75
O1 SO4 K . 14.28 6.93 -11.70
O2 SO4 K . 15.38 6.44 -9.63
O3 SO4 K . 16.60 7.41 -11.43
O4 SO4 K . 14.97 8.71 -10.28
S SO4 L . 9.81 0.59 11.60
O1 SO4 L . 8.37 0.69 11.37
O2 SO4 L . 10.08 -0.41 12.63
O3 SO4 L . 10.46 0.19 10.36
O4 SO4 L . 10.33 1.88 12.05
S SO4 M . -15.24 -7.62 9.57
O1 SO4 M . -15.96 -8.18 10.70
O2 SO4 M . -15.53 -8.41 8.37
O3 SO4 M . -15.66 -6.24 9.35
O4 SO4 M . -13.81 -7.64 9.84
#